data_8GSX
#
_entry.id   8GSX
#
_cell.length_a   127.390
_cell.length_b   127.390
_cell.length_c   163.160
_cell.angle_alpha   90.00
_cell.angle_beta   90.00
_cell.angle_gamma   120.00
#
_symmetry.space_group_name_H-M   'P 65 2 2'
#
loop_
_entity.id
_entity.type
_entity.pdbx_description
1 polymer 'pili protein'
2 non-polymer 'ACETATE ION'
3 water water
#
_entity_poly.entity_id   1
_entity_poly.type   'polypeptide(L)'
_entity_poly.pdbx_seq_one_letter_code
;MNHKVHHHHHHIEGRHMEETKSVQNDGAVEITSTTFESNTVAKGISNNLRIDYKILNKDKLKDGDKIVISLPDIFKDIEP
KCHDQHFKDFDVKDGVVTLTFNENVEKAVTGYMIIRFVGNSNIRKGVSYPVSIDLNGKPSTVYITGEEYSNSSSGAQYPL
MYKTADLPTAATDKEQGREYYGEIVDRNKPIKYFVEINLGDGVNPNTRSYLSNADFFDNIPKGMALDVNSICIKRMGYYD
ERSSDVTKDFWESNRIKADTKHLEINFGDIRYERYTVIYETRITSTESGYLNDAKLYYDDKELPSKHYSKLSKDAGALNV
YKYVDKTKVKNNLND
;
_entity_poly.pdbx_strand_id   A
#
# COMPACT_ATOMS: atom_id res chain seq x y z
N GLN A 24 -36.84 -8.63 -11.87
CA GLN A 24 -36.92 -7.66 -10.74
C GLN A 24 -37.03 -6.24 -11.31
N ASN A 25 -38.24 -5.65 -11.29
CA ASN A 25 -38.58 -4.31 -11.86
C ASN A 25 -39.60 -3.62 -10.94
N ASP A 26 -39.28 -2.40 -10.44
CA ASP A 26 -40.16 -1.58 -9.56
C ASP A 26 -40.93 -0.54 -10.38
N GLY A 27 -40.32 0.08 -11.40
CA GLY A 27 -40.96 1.06 -12.30
C GLY A 27 -39.95 1.79 -13.16
N ALA A 28 -39.32 2.83 -12.59
CA ALA A 28 -38.19 3.59 -13.20
C ALA A 28 -36.97 2.69 -13.42
N VAL A 29 -36.65 1.84 -12.44
CA VAL A 29 -35.39 1.03 -12.34
C VAL A 29 -35.72 -0.45 -12.62
N GLU A 30 -35.02 -1.08 -13.56
CA GLU A 30 -35.10 -2.53 -13.90
C GLU A 30 -33.71 -3.16 -13.69
N ILE A 31 -33.47 -3.82 -12.55
CA ILE A 31 -32.19 -4.53 -12.23
C ILE A 31 -32.05 -5.70 -13.20
N THR A 32 -31.29 -5.52 -14.28
CA THR A 32 -31.05 -6.51 -15.37
C THR A 32 -30.18 -7.68 -14.89
N SER A 33 -29.07 -7.40 -14.20
CA SER A 33 -28.05 -8.40 -13.76
C SER A 33 -27.39 -8.02 -12.43
N THR A 34 -26.84 -9.03 -11.75
CA THR A 34 -26.13 -8.92 -10.45
C THR A 34 -25.00 -9.97 -10.43
N THR A 35 -23.75 -9.53 -10.66
CA THR A 35 -22.57 -10.39 -10.95
C THR A 35 -21.35 -9.91 -10.16
N PHE A 36 -20.55 -10.84 -9.64
CA PHE A 36 -19.27 -10.56 -8.93
C PHE A 36 -18.10 -10.54 -9.92
N GLU A 37 -17.01 -9.84 -9.54
CA GLU A 37 -15.74 -9.73 -10.31
C GLU A 37 -15.13 -11.13 -10.39
N SER A 38 -14.98 -11.77 -9.22
CA SER A 38 -14.78 -13.23 -9.01
C SER A 38 -15.97 -13.80 -8.23
N ASN A 39 -16.51 -14.95 -8.65
CA ASN A 39 -17.54 -15.72 -7.91
C ASN A 39 -16.93 -16.52 -6.74
N THR A 40 -15.61 -16.47 -6.51
CA THR A 40 -14.94 -16.87 -5.24
C THR A 40 -14.45 -15.63 -4.47
N VAL A 41 -14.32 -15.76 -3.15
CA VAL A 41 -13.92 -14.69 -2.18
C VAL A 41 -12.95 -15.29 -1.15
N ALA A 42 -11.89 -14.58 -0.79
CA ALA A 42 -10.78 -15.07 0.08
C ALA A 42 -10.18 -13.95 0.94
N LYS A 43 -9.38 -14.34 1.94
CA LYS A 43 -8.82 -13.48 3.01
C LYS A 43 -7.86 -12.46 2.35
N GLY A 44 -8.21 -11.17 2.40
CA GLY A 44 -7.38 -10.05 1.92
C GLY A 44 -7.55 -9.70 0.45
N ILE A 45 -8.37 -10.43 -0.32
CA ILE A 45 -8.41 -10.34 -1.81
C ILE A 45 -9.48 -9.35 -2.24
N SER A 46 -9.14 -8.44 -3.17
CA SER A 46 -10.05 -7.45 -3.80
C SER A 46 -11.12 -8.21 -4.61
N ASN A 47 -12.36 -7.78 -4.45
CA ASN A 47 -13.55 -8.24 -5.23
C ASN A 47 -14.54 -7.07 -5.35
N ASN A 48 -15.67 -7.25 -6.07
CA ASN A 48 -16.80 -6.28 -6.06
C ASN A 48 -18.09 -6.93 -6.56
N LEU A 49 -19.24 -6.54 -5.97
CA LEU A 49 -20.59 -6.68 -6.57
C LEU A 49 -20.78 -5.58 -7.62
N ARG A 50 -21.49 -5.87 -8.71
CA ARG A 50 -21.85 -4.93 -9.81
C ARG A 50 -23.32 -5.17 -10.16
N ILE A 51 -24.14 -4.11 -10.13
CA ILE A 51 -25.64 -4.16 -10.20
C ILE A 51 -26.06 -3.27 -11.37
N ASP A 52 -26.23 -3.88 -12.54
CA ASP A 52 -26.74 -3.20 -13.77
C ASP A 52 -28.25 -2.98 -13.60
N TYR A 53 -28.75 -1.76 -13.88
CA TYR A 53 -30.19 -1.38 -13.88
C TYR A 53 -30.58 -0.83 -15.26
N VAL A 68 -31.25 -0.76 -0.93
CA VAL A 68 -30.62 -1.45 0.24
C VAL A 68 -30.06 -2.82 -0.19
N ILE A 69 -28.84 -3.15 0.23
CA ILE A 69 -28.06 -4.37 -0.18
C ILE A 69 -27.33 -4.89 1.08
N SER A 70 -27.76 -6.01 1.67
CA SER A 70 -27.15 -6.64 2.87
C SER A 70 -25.96 -7.51 2.46
N LEU A 71 -24.73 -7.15 2.86
CA LEU A 71 -23.50 -7.96 2.72
C LEU A 71 -23.27 -8.77 4.01
N PRO A 72 -22.77 -10.02 3.94
CA PRO A 72 -22.54 -10.82 5.15
C PRO A 72 -21.26 -10.41 5.89
N ASP A 73 -21.01 -11.06 7.04
CA ASP A 73 -19.89 -10.73 7.99
C ASP A 73 -18.53 -11.17 7.44
N ILE A 74 -18.44 -11.92 6.32
CA ILE A 74 -17.17 -12.25 5.60
C ILE A 74 -16.68 -11.09 4.70
N PHE A 75 -17.38 -9.93 4.61
CA PHE A 75 -17.02 -8.77 3.76
C PHE A 75 -16.58 -7.61 4.65
N LYS A 76 -15.27 -7.38 4.77
CA LYS A 76 -14.66 -6.17 5.38
C LYS A 76 -14.33 -5.13 4.29
N ASP A 77 -14.27 -3.84 4.66
CA ASP A 77 -13.68 -2.73 3.87
C ASP A 77 -14.60 -2.41 2.68
N ILE A 78 -15.88 -2.14 2.97
CA ILE A 78 -16.97 -1.92 1.97
C ILE A 78 -17.04 -0.41 1.66
N GLU A 79 -17.18 -0.06 0.39
CA GLU A 79 -17.10 1.34 -0.12
C GLU A 79 -17.43 1.36 -1.61
N PRO A 80 -18.37 2.21 -2.11
CA PRO A 80 -18.48 2.46 -3.56
C PRO A 80 -17.25 3.19 -4.13
N ASP A 89 -26.17 9.69 -3.23
CA ASP A 89 -25.94 9.43 -1.78
C ASP A 89 -25.42 8.00 -1.58
N PHE A 90 -24.80 7.75 -0.41
CA PHE A 90 -24.10 6.50 -0.02
C PHE A 90 -24.35 6.18 1.46
N ASP A 91 -24.01 4.95 1.87
CA ASP A 91 -24.20 4.46 3.27
C ASP A 91 -23.45 3.12 3.47
N VAL A 92 -22.86 2.93 4.66
CA VAL A 92 -22.34 1.63 5.18
C VAL A 92 -22.75 1.55 6.66
N LYS A 93 -23.53 0.52 7.04
CA LYS A 93 -24.27 0.42 8.34
C LYS A 93 -24.28 -1.07 8.76
N ASP A 94 -23.17 -1.52 9.34
CA ASP A 94 -22.93 -2.91 9.84
C ASP A 94 -23.12 -3.91 8.68
N GLY A 95 -22.45 -3.65 7.55
CA GLY A 95 -22.58 -4.42 6.29
C GLY A 95 -23.98 -4.36 5.72
N VAL A 96 -24.56 -3.16 5.59
CA VAL A 96 -25.86 -2.88 4.89
C VAL A 96 -25.69 -1.53 4.17
N VAL A 97 -25.98 -1.48 2.87
CA VAL A 97 -25.56 -0.41 1.92
C VAL A 97 -26.81 0.10 1.17
N THR A 98 -27.34 1.25 1.61
CA THR A 98 -28.41 2.03 0.92
C THR A 98 -27.79 3.08 -0.01
N LEU A 99 -28.52 3.46 -1.06
CA LEU A 99 -28.07 4.38 -2.15
C LEU A 99 -29.10 5.49 -2.36
N THR A 110 -30.05 3.58 -18.35
CA THR A 110 -29.38 2.26 -18.44
C THR A 110 -27.93 2.40 -17.95
N GLY A 111 -27.73 2.35 -16.62
CA GLY A 111 -26.43 2.52 -15.93
C GLY A 111 -26.03 1.29 -15.11
N TYR A 112 -25.08 1.47 -14.18
CA TYR A 112 -24.60 0.42 -13.22
C TYR A 112 -23.98 1.04 -11.96
N MET A 113 -23.83 0.21 -10.92
CA MET A 113 -23.33 0.58 -9.56
C MET A 113 -22.40 -0.53 -9.04
N ILE A 114 -21.12 -0.21 -8.81
CA ILE A 114 -20.06 -1.14 -8.31
C ILE A 114 -19.83 -0.88 -6.81
N ILE A 115 -20.21 -1.83 -5.94
CA ILE A 115 -19.84 -1.92 -4.49
C ILE A 115 -18.56 -2.77 -4.36
N ARG A 116 -17.43 -2.14 -4.02
CA ARG A 116 -16.10 -2.80 -3.81
C ARG A 116 -16.07 -3.35 -2.38
N PHE A 117 -15.62 -4.59 -2.19
CA PHE A 117 -15.36 -5.22 -0.87
C PHE A 117 -14.07 -6.06 -0.92
N VAL A 118 -13.68 -6.60 0.25
CA VAL A 118 -12.48 -7.47 0.47
C VAL A 118 -12.89 -8.60 1.43
N GLY A 119 -12.43 -9.84 1.19
CA GLY A 119 -12.77 -10.99 2.06
C GLY A 119 -12.09 -10.92 3.42
N ASN A 120 -12.69 -11.57 4.42
CA ASN A 120 -12.37 -11.47 5.87
C ASN A 120 -11.62 -12.74 6.31
N SER A 121 -10.98 -12.67 7.48
CA SER A 121 -10.36 -13.78 8.26
C SER A 121 -11.29 -15.01 8.39
N ASN A 122 -12.61 -14.82 8.56
CA ASN A 122 -13.57 -15.90 8.90
C ASN A 122 -14.22 -16.55 7.65
N ILE A 123 -13.60 -16.47 6.46
CA ILE A 123 -14.05 -17.21 5.24
C ILE A 123 -13.66 -18.68 5.42
N ARG A 124 -14.50 -19.60 4.91
CA ARG A 124 -14.31 -21.07 4.94
C ARG A 124 -14.44 -21.60 3.50
N LYS A 125 -13.47 -22.40 3.05
CA LYS A 125 -13.39 -22.98 1.68
C LYS A 125 -14.59 -23.91 1.47
N GLY A 126 -15.30 -23.72 0.34
CA GLY A 126 -16.46 -24.53 -0.08
C GLY A 126 -17.81 -23.97 0.35
N VAL A 127 -17.86 -23.11 1.38
CA VAL A 127 -19.11 -22.56 1.97
C VAL A 127 -19.55 -21.38 1.10
N SER A 128 -20.80 -21.38 0.61
CA SER A 128 -21.49 -20.22 -0.01
C SER A 128 -22.04 -19.28 1.08
N TYR A 129 -22.13 -17.99 0.78
CA TYR A 129 -22.57 -16.90 1.71
C TYR A 129 -23.51 -15.96 0.98
N PRO A 130 -24.69 -15.59 1.55
CA PRO A 130 -25.65 -14.75 0.82
C PRO A 130 -25.32 -13.24 0.81
N VAL A 131 -25.48 -12.60 -0.35
CA VAL A 131 -25.66 -11.13 -0.53
C VAL A 131 -27.09 -10.88 -1.03
N SER A 132 -27.98 -10.33 -0.21
CA SER A 132 -29.38 -9.96 -0.58
C SER A 132 -29.42 -8.54 -1.18
N ILE A 133 -30.39 -8.30 -2.08
CA ILE A 133 -30.56 -7.07 -2.91
C ILE A 133 -32.06 -6.73 -2.90
N ASP A 134 -32.49 -5.96 -1.90
CA ASP A 134 -33.91 -5.59 -1.59
C ASP A 134 -34.23 -4.22 -2.23
N LEU A 135 -35.12 -4.18 -3.24
CA LEU A 135 -35.56 -2.96 -3.99
C LEU A 135 -37.10 -2.91 -4.01
N ASN A 136 -37.70 -2.05 -3.18
CA ASN A 136 -39.18 -1.82 -3.08
C ASN A 136 -39.85 -3.14 -2.64
N GLY A 137 -39.41 -3.70 -1.50
CA GLY A 137 -39.65 -5.10 -1.14
C GLY A 137 -38.95 -6.03 -2.12
N LYS A 138 -39.56 -7.19 -2.44
CA LYS A 138 -39.17 -8.08 -3.56
C LYS A 138 -37.68 -8.46 -3.45
N PRO A 139 -37.24 -9.10 -2.34
CA PRO A 139 -35.80 -9.35 -2.12
C PRO A 139 -35.24 -10.45 -3.03
N SER A 140 -34.02 -10.24 -3.55
CA SER A 140 -33.32 -11.12 -4.53
C SER A 140 -31.92 -11.44 -4.01
N THR A 141 -31.63 -12.72 -3.72
CA THR A 141 -30.37 -13.21 -3.07
C THR A 141 -29.51 -13.93 -4.11
N VAL A 142 -28.21 -13.60 -4.15
CA VAL A 142 -27.13 -14.33 -4.88
C VAL A 142 -26.06 -14.79 -3.87
N TYR A 143 -25.08 -15.60 -4.30
CA TYR A 143 -24.11 -16.31 -3.42
C TYR A 143 -22.68 -16.24 -3.99
N ILE A 144 -21.69 -16.08 -3.10
CA ILE A 144 -20.21 -16.17 -3.36
C ILE A 144 -19.67 -17.32 -2.51
N THR A 145 -18.87 -18.21 -3.08
CA THR A 145 -18.22 -19.36 -2.40
C THR A 145 -16.86 -18.91 -1.84
N GLY A 146 -16.69 -19.01 -0.52
CA GLY A 146 -15.40 -18.94 0.20
C GLY A 146 -14.29 -19.81 -0.40
N GLU A 147 -13.05 -19.37 -0.25
CA GLU A 147 -11.81 -20.12 -0.61
C GLU A 147 -10.70 -19.76 0.39
N GLU A 148 -9.74 -20.67 0.56
CA GLU A 148 -8.58 -20.53 1.48
C GLU A 148 -7.31 -20.94 0.74
N TYR A 149 -6.32 -20.05 0.68
CA TYR A 149 -4.96 -20.29 0.15
C TYR A 149 -3.98 -20.33 1.33
N SER A 150 -3.07 -21.30 1.36
CA SER A 150 -1.93 -21.34 2.31
C SER A 150 -0.94 -20.24 1.89
N ASN A 151 -0.95 -19.10 2.59
CA ASN A 151 -0.28 -17.83 2.16
C ASN A 151 1.22 -17.88 2.50
N SER A 152 1.56 -18.27 3.74
CA SER A 152 2.96 -18.44 4.24
C SER A 152 3.71 -19.55 3.48
N SER A 153 3.01 -20.56 2.95
CA SER A 153 3.56 -21.63 2.06
C SER A 153 4.20 -21.06 0.80
N SER A 154 3.73 -19.91 0.29
CA SER A 154 4.47 -19.07 -0.68
C SER A 154 5.76 -18.58 0.00
N GLY A 155 6.92 -19.06 -0.44
CA GLY A 155 8.25 -18.74 0.14
C GLY A 155 8.57 -17.26 0.00
N ALA A 156 9.08 -16.64 1.08
CA ALA A 156 9.28 -15.17 1.25
C ALA A 156 10.28 -14.66 0.20
N GLN A 157 9.76 -14.37 -1.00
CA GLN A 157 10.53 -13.97 -2.23
C GLN A 157 10.48 -12.45 -2.45
N TYR A 158 9.40 -11.75 -2.04
CA TYR A 158 9.18 -10.30 -2.33
C TYR A 158 10.09 -9.45 -1.43
N PRO A 159 10.90 -8.50 -1.95
CA PRO A 159 11.70 -7.61 -1.10
C PRO A 159 10.88 -6.81 -0.06
N LEU A 160 11.41 -6.67 1.15
CA LEU A 160 10.75 -5.98 2.29
C LEU A 160 11.02 -4.47 2.27
N MET A 161 11.93 -3.95 1.43
CA MET A 161 12.17 -2.49 1.30
C MET A 161 12.84 -2.16 -0.04
N TYR A 162 12.29 -1.20 -0.79
CA TYR A 162 12.93 -0.50 -1.94
C TYR A 162 13.14 0.96 -1.54
N LYS A 163 14.23 1.59 -2.01
CA LYS A 163 14.44 3.06 -1.94
C LYS A 163 14.68 3.59 -3.35
N THR A 164 13.70 4.33 -3.87
CA THR A 164 13.68 4.96 -5.21
C THR A 164 13.68 6.49 -5.05
N ALA A 165 13.67 7.22 -6.17
CA ALA A 165 13.72 8.70 -6.23
C ALA A 165 12.90 9.26 -7.39
N ASP A 166 12.67 10.58 -7.35
CA ASP A 166 11.87 11.35 -8.36
C ASP A 166 12.88 12.01 -9.30
N LEU A 167 13.68 11.18 -9.97
CA LEU A 167 14.80 11.56 -10.88
C LEU A 167 14.75 10.70 -12.14
N PRO A 168 15.24 11.17 -13.31
CA PRO A 168 15.49 10.28 -14.45
C PRO A 168 16.72 9.39 -14.19
N THR A 169 16.87 8.31 -14.95
CA THR A 169 17.98 7.33 -14.81
C THR A 169 19.00 7.52 -15.95
N ALA A 170 20.28 7.57 -15.60
CA ALA A 170 21.45 7.40 -16.50
C ALA A 170 22.30 6.24 -16.00
N ALA A 171 23.07 5.63 -16.90
CA ALA A 171 24.01 4.53 -16.63
C ALA A 171 25.46 5.03 -16.63
N THR A 172 26.37 4.21 -16.10
CA THR A 172 27.84 4.44 -16.03
C THR A 172 28.49 3.05 -16.13
N ASP A 173 29.24 2.78 -17.21
CA ASP A 173 29.79 1.44 -17.48
C ASP A 173 30.97 1.19 -16.53
N LYS A 174 30.98 0.00 -15.91
CA LYS A 174 31.90 -0.47 -14.84
C LYS A 174 32.51 -1.82 -15.26
N GLU A 175 33.51 -2.31 -14.52
CA GLU A 175 34.41 -3.42 -14.95
C GLU A 175 33.62 -4.69 -15.29
N GLN A 176 32.53 -4.97 -14.59
CA GLN A 176 31.47 -5.93 -15.02
C GLN A 176 30.11 -5.41 -14.51
N GLY A 177 29.40 -4.66 -15.37
CA GLY A 177 28.01 -4.21 -15.18
C GLY A 177 27.85 -2.74 -15.52
N ARG A 178 26.60 -2.26 -15.64
CA ARG A 178 26.25 -0.81 -15.64
C ARG A 178 25.67 -0.47 -14.25
N GLU A 179 26.22 0.52 -13.54
CA GLU A 179 25.57 1.14 -12.35
C GLU A 179 24.56 2.16 -12.88
N TYR A 180 23.28 2.05 -12.48
CA TYR A 180 22.25 3.10 -12.68
C TYR A 180 22.39 4.15 -11.57
N TYR A 181 21.90 5.36 -11.82
CA TYR A 181 21.92 6.49 -10.85
C TYR A 181 20.85 7.53 -11.23
N GLY A 182 20.34 8.23 -10.22
CA GLY A 182 19.45 9.40 -10.40
C GLY A 182 20.24 10.60 -10.88
N GLU A 183 19.96 11.10 -12.08
CA GLU A 183 20.57 12.33 -12.64
C GLU A 183 19.84 13.54 -12.06
N ILE A 184 20.53 14.31 -11.19
CA ILE A 184 20.07 15.60 -10.61
C ILE A 184 20.44 16.69 -11.62
N VAL A 185 19.51 17.08 -12.51
CA VAL A 185 19.73 18.11 -13.56
C VAL A 185 19.85 19.52 -12.94
N ASP A 186 19.06 19.81 -11.89
CA ASP A 186 18.95 21.14 -11.21
C ASP A 186 19.42 20.99 -9.76
N ARG A 187 20.57 21.59 -9.41
CA ARG A 187 21.24 21.43 -8.08
C ARG A 187 20.42 22.12 -6.98
N ASN A 188 19.63 23.16 -7.30
CA ASN A 188 18.91 24.01 -6.32
C ASN A 188 17.52 23.43 -5.98
N LYS A 189 16.82 22.83 -6.95
CA LYS A 189 15.55 22.08 -6.71
C LYS A 189 15.84 20.87 -5.81
N PRO A 190 14.91 20.47 -4.90
CA PRO A 190 15.15 19.33 -4.01
C PRO A 190 14.94 17.97 -4.69
N ILE A 191 15.52 16.91 -4.09
CA ILE A 191 15.45 15.49 -4.53
C ILE A 191 14.47 14.74 -3.61
N LYS A 192 13.35 14.27 -4.14
CA LYS A 192 12.31 13.50 -3.40
C LYS A 192 12.64 12.00 -3.46
N TYR A 193 13.10 11.42 -2.35
CA TYR A 193 13.19 9.96 -2.10
C TYR A 193 11.83 9.38 -1.68
N PHE A 194 11.45 8.22 -2.23
CA PHE A 194 10.37 7.32 -1.72
C PHE A 194 10.99 6.04 -1.16
N VAL A 195 10.37 5.45 -0.13
CA VAL A 195 10.84 4.19 0.54
C VAL A 195 9.60 3.33 0.83
N GLU A 196 9.37 2.28 0.05
CA GLU A 196 8.19 1.37 0.18
C GLU A 196 8.60 0.15 1.00
N ILE A 197 8.32 0.18 2.30
CA ILE A 197 8.48 -0.92 3.28
C ILE A 197 7.26 -1.86 3.20
N ASN A 198 7.47 -3.14 2.91
CA ASN A 198 6.51 -4.26 3.05
C ASN A 198 5.43 -4.16 1.96
N LEU A 199 5.85 -3.96 0.70
CA LEU A 199 4.97 -3.82 -0.49
C LEU A 199 4.29 -5.16 -0.80
N GLY A 200 5.03 -6.28 -0.70
CA GLY A 200 4.68 -7.55 -1.35
C GLY A 200 4.72 -7.41 -2.86
N ASP A 201 3.81 -8.07 -3.56
CA ASP A 201 3.54 -7.86 -5.02
C ASP A 201 2.93 -6.48 -5.30
N GLY A 202 2.31 -5.81 -4.33
CA GLY A 202 1.66 -4.49 -4.49
C GLY A 202 0.15 -4.55 -4.77
N VAL A 203 -0.47 -5.75 -4.78
CA VAL A 203 -1.95 -5.94 -5.00
C VAL A 203 -2.55 -6.91 -3.97
N ASN A 204 -1.94 -8.07 -3.73
CA ASN A 204 -2.37 -9.08 -2.72
C ASN A 204 -1.67 -8.77 -1.41
N PRO A 205 -2.37 -8.36 -0.32
CA PRO A 205 -1.72 -8.08 0.95
C PRO A 205 -1.21 -9.32 1.72
N ASN A 206 -1.57 -10.54 1.29
CA ASN A 206 -1.04 -11.82 1.83
C ASN A 206 0.43 -12.03 1.44
N THR A 207 0.92 -11.39 0.39
CA THR A 207 2.36 -11.34 0.00
C THR A 207 3.19 -10.45 0.94
N ARG A 208 2.58 -9.66 1.82
CA ARG A 208 3.27 -8.90 2.89
C ARG A 208 3.69 -9.86 4.02
N SER A 209 4.53 -9.38 4.95
CA SER A 209 5.16 -10.12 6.06
C SER A 209 4.68 -9.59 7.41
N TYR A 210 4.98 -10.33 8.48
CA TYR A 210 4.99 -9.85 9.89
C TYR A 210 6.44 -9.54 10.26
N LEU A 211 6.77 -8.25 10.42
CA LEU A 211 8.10 -7.75 10.87
C LEU A 211 7.97 -7.24 12.32
N SER A 212 8.38 -8.05 13.29
CA SER A 212 8.48 -7.65 14.72
C SER A 212 9.61 -6.62 14.89
N ASN A 213 9.36 -5.56 15.67
CA ASN A 213 10.33 -4.51 16.09
C ASN A 213 11.03 -3.91 14.86
N ALA A 214 10.26 -3.58 13.81
CA ALA A 214 10.69 -2.82 12.63
C ALA A 214 11.15 -1.41 13.06
N ASP A 215 12.34 -1.01 12.61
CA ASP A 215 12.99 0.28 12.94
C ASP A 215 13.83 0.68 11.71
N PHE A 216 13.22 1.43 10.79
CA PHE A 216 13.89 2.10 9.65
C PHE A 216 14.93 3.11 10.16
N PHE A 217 16.02 3.28 9.40
CA PHE A 217 17.17 4.16 9.75
C PHE A 217 17.91 4.50 8.45
N ASP A 218 17.86 5.76 8.02
CA ASP A 218 18.57 6.32 6.84
C ASP A 218 19.62 7.33 7.32
N ASN A 219 20.91 7.07 7.06
CA ASN A 219 21.99 8.09 7.06
C ASN A 219 21.96 8.81 5.71
N ILE A 220 21.64 10.10 5.71
CA ILE A 220 21.54 10.97 4.50
C ILE A 220 22.97 11.13 3.94
N PRO A 221 23.22 11.17 2.61
CA PRO A 221 24.59 11.33 2.10
C PRO A 221 25.29 12.65 2.51
N LYS A 222 26.62 12.64 2.59
CA LYS A 222 27.41 13.89 2.78
C LYS A 222 27.24 14.74 1.52
N GLY A 223 27.09 16.05 1.71
CA GLY A 223 26.66 17.02 0.68
C GLY A 223 25.15 17.03 0.45
N MET A 224 24.35 16.50 1.37
CA MET A 224 22.85 16.57 1.36
C MET A 224 22.32 16.85 2.78
N ALA A 225 21.12 17.44 2.84
CA ALA A 225 20.45 17.90 4.08
C ALA A 225 18.95 17.63 3.96
N LEU A 226 18.47 16.59 4.65
CA LEU A 226 17.03 16.28 4.89
C LEU A 226 16.28 17.51 5.39
N ASP A 227 15.28 17.96 4.61
CA ASP A 227 14.14 18.78 5.09
C ASP A 227 13.30 17.87 5.99
N VAL A 228 13.45 17.99 7.32
CA VAL A 228 12.72 17.19 8.36
C VAL A 228 11.20 17.41 8.21
N ASN A 229 10.76 18.60 7.84
CA ASN A 229 9.33 18.95 7.62
C ASN A 229 8.75 18.21 6.40
N SER A 230 9.55 17.89 5.37
CA SER A 230 9.12 17.13 4.16
C SER A 230 8.76 15.66 4.45
N ILE A 231 9.25 15.05 5.56
CA ILE A 231 8.94 13.64 5.97
C ILE A 231 7.41 13.45 5.97
N CYS A 232 6.96 12.31 5.45
CA CYS A 232 5.56 11.98 5.15
C CYS A 232 5.43 10.46 5.17
N ILE A 233 4.82 9.88 6.21
CA ILE A 233 4.59 8.41 6.35
C ILE A 233 3.14 8.10 5.99
N LYS A 234 2.91 7.46 4.84
CA LYS A 234 1.63 6.81 4.45
C LYS A 234 1.60 5.37 4.95
N ARG A 235 0.41 4.86 5.29
CA ARG A 235 0.15 3.48 5.82
C ARG A 235 -1.06 2.89 5.08
N MET A 236 -1.00 1.59 4.82
CA MET A 236 -2.07 0.79 4.18
C MET A 236 -2.17 -0.51 4.99
N GLY A 237 -3.21 -0.63 5.82
CA GLY A 237 -3.53 -1.87 6.55
C GLY A 237 -3.87 -3.01 5.61
N TYR A 238 -3.73 -4.25 6.09
CA TYR A 238 -4.04 -5.52 5.38
C TYR A 238 -5.35 -5.38 4.60
N TYR A 239 -6.43 -4.95 5.27
CA TYR A 239 -7.78 -4.79 4.68
C TYR A 239 -7.92 -3.48 3.91
N ASP A 240 -7.22 -2.41 4.29
CA ASP A 240 -7.35 -1.03 3.72
C ASP A 240 -7.13 -1.02 2.20
N GLU A 241 -7.78 -0.04 1.57
CA GLU A 241 -7.96 0.14 0.10
C GLU A 241 -6.90 1.11 -0.43
N ARG A 242 -6.75 2.27 0.21
CA ARG A 242 -5.85 3.39 -0.14
C ARG A 242 -4.81 3.55 0.96
N SER A 243 -3.72 4.21 0.65
CA SER A 243 -2.80 4.81 1.64
C SER A 243 -3.54 5.91 2.43
N SER A 244 -3.09 6.14 3.68
CA SER A 244 -3.61 7.13 4.65
C SER A 244 -2.43 7.84 5.31
N ASP A 245 -2.38 9.17 5.29
CA ASP A 245 -1.28 9.97 5.87
C ASP A 245 -1.32 9.80 7.39
N VAL A 246 -0.44 8.93 7.95
CA VAL A 246 -0.21 8.73 9.41
C VAL A 246 1.04 9.50 9.90
N THR A 247 1.42 10.61 9.26
CA THR A 247 2.67 11.36 9.58
C THR A 247 2.52 12.04 10.94
N LYS A 248 1.42 12.77 11.15
CA LYS A 248 1.10 13.48 12.42
C LYS A 248 1.00 12.49 13.59
N ASP A 249 0.41 11.30 13.39
CA ASP A 249 0.35 10.22 14.42
C ASP A 249 1.76 9.79 14.85
N PHE A 250 2.71 9.67 13.92
CA PHE A 250 4.07 9.13 14.17
C PHE A 250 4.93 10.13 14.95
N TRP A 251 4.91 11.42 14.59
CA TRP A 251 5.55 12.53 15.35
C TRP A 251 5.00 12.58 16.79
N GLU A 252 3.67 12.54 16.95
CA GLU A 252 2.93 12.71 18.23
C GLU A 252 3.14 11.53 19.19
N SER A 253 3.48 10.34 18.70
CA SER A 253 3.71 9.10 19.48
C SER A 253 5.21 8.77 19.62
N ASN A 254 6.12 9.69 19.26
CA ASN A 254 7.58 9.65 19.56
C ASN A 254 8.19 8.45 18.83
N ARG A 255 8.03 8.44 17.51
CA ARG A 255 8.47 7.36 16.57
C ARG A 255 9.51 7.91 15.57
N ILE A 256 9.40 9.16 15.11
CA ILE A 256 10.35 9.83 14.18
C ILE A 256 11.34 10.65 15.02
N LYS A 257 12.63 10.27 15.02
CA LYS A 257 13.80 11.09 15.40
C LYS A 257 14.55 11.46 14.11
N ALA A 258 14.67 12.75 13.77
CA ALA A 258 15.20 13.23 12.47
C ALA A 258 15.88 14.60 12.62
N ASP A 259 17.19 14.67 12.35
CA ASP A 259 17.97 15.93 12.10
C ASP A 259 18.25 16.04 10.59
N THR A 260 19.03 17.02 10.15
CA THR A 260 19.37 17.24 8.71
C THR A 260 20.23 16.09 8.14
N LYS A 261 21.03 15.40 8.96
CA LYS A 261 21.93 14.29 8.54
C LYS A 261 21.35 12.89 8.82
N HIS A 262 20.23 12.74 9.54
CA HIS A 262 19.68 11.42 10.01
C HIS A 262 18.15 11.34 9.89
N LEU A 263 17.65 10.12 9.71
CA LEU A 263 16.22 9.72 9.78
C LEU A 263 16.15 8.41 10.58
N GLU A 264 15.15 8.26 11.44
CA GLU A 264 14.86 7.00 12.17
C GLU A 264 13.37 6.97 12.43
N ILE A 265 12.65 6.04 11.81
CA ILE A 265 11.22 5.73 12.12
C ILE A 265 11.20 4.38 12.84
N ASN A 266 10.51 4.30 13.98
CA ASN A 266 10.31 3.07 14.80
C ASN A 266 8.87 2.61 14.58
N PHE A 267 8.64 1.74 13.60
CA PHE A 267 7.29 1.23 13.20
C PHE A 267 6.68 0.28 14.25
N GLY A 268 7.47 -0.29 15.17
CA GLY A 268 6.99 -1.35 16.06
C GLY A 268 6.73 -2.62 15.26
N ASP A 269 5.71 -3.40 15.63
CA ASP A 269 5.28 -4.60 14.86
C ASP A 269 4.52 -4.10 13.62
N ILE A 270 5.13 -4.23 12.44
CA ILE A 270 4.47 -4.10 11.11
C ILE A 270 3.62 -5.37 10.90
N ARG A 271 2.29 -5.27 10.98
CA ARG A 271 1.33 -6.41 11.04
C ARG A 271 0.64 -6.58 9.68
N TYR A 272 1.40 -7.04 8.67
CA TYR A 272 0.98 -7.13 7.24
C TYR A 272 0.49 -5.75 6.75
N GLU A 273 1.26 -4.71 7.09
CA GLU A 273 0.97 -3.27 6.84
C GLU A 273 2.03 -2.76 5.85
N ARG A 274 1.60 -2.26 4.70
CA ARG A 274 2.45 -1.52 3.74
C ARG A 274 2.63 -0.08 4.22
N TYR A 275 3.85 0.31 4.63
CA TYR A 275 4.25 1.71 4.89
C TYR A 275 5.06 2.26 3.71
N THR A 276 4.67 3.41 3.15
CA THR A 276 5.52 4.30 2.29
C THR A 276 6.08 5.44 3.13
N VAL A 277 7.29 5.91 2.80
CA VAL A 277 8.03 7.00 3.50
C VAL A 277 8.61 7.90 2.40
N ILE A 278 7.92 9.01 2.10
CA ILE A 278 8.36 10.11 1.20
C ILE A 278 9.04 11.18 2.06
N TYR A 279 10.29 11.54 1.73
CA TYR A 279 11.00 12.76 2.24
C TYR A 279 11.79 13.42 1.11
N GLU A 280 12.12 14.71 1.30
CA GLU A 280 12.92 15.54 0.36
C GLU A 280 14.26 15.90 1.01
N THR A 281 15.23 16.23 0.17
CA THR A 281 16.64 16.57 0.51
C THR A 281 17.09 17.73 -0.39
N ARG A 282 18.15 18.44 0.02
CA ARG A 282 18.72 19.60 -0.73
C ARG A 282 20.24 19.44 -0.82
N ILE A 283 20.83 19.82 -1.95
CA ILE A 283 22.31 19.79 -2.18
C ILE A 283 22.92 20.95 -1.37
N THR A 284 23.73 20.64 -0.36
CA THR A 284 24.53 21.60 0.45
C THR A 284 25.92 21.79 -0.17
N SER A 285 26.60 20.70 -0.57
CA SER A 285 27.98 20.65 -1.12
C SER A 285 28.05 19.77 -2.37
N THR A 286 28.92 20.14 -3.32
CA THR A 286 29.22 19.34 -4.55
C THR A 286 29.95 18.06 -4.15
N GLU A 287 29.52 16.91 -4.69
CA GLU A 287 30.17 15.59 -4.57
C GLU A 287 30.17 14.87 -5.94
N SER A 288 31.01 13.85 -6.07
CA SER A 288 31.03 12.90 -7.23
C SER A 288 29.67 12.18 -7.33
N GLY A 289 29.18 11.67 -6.19
CA GLY A 289 27.83 11.08 -6.05
C GLY A 289 27.24 11.22 -4.65
N TYR A 290 26.06 10.62 -4.46
CA TYR A 290 25.20 10.72 -3.26
C TYR A 290 24.55 9.34 -3.05
N LEU A 291 25.23 8.44 -2.36
CA LEU A 291 24.79 7.05 -2.07
C LEU A 291 23.96 7.07 -0.78
N ASN A 292 22.64 7.25 -0.91
CA ASN A 292 21.69 7.22 0.23
C ASN A 292 21.55 5.78 0.74
N ASP A 293 21.78 5.55 2.04
CA ASP A 293 21.84 4.22 2.69
C ASP A 293 20.69 4.06 3.69
N ALA A 294 19.57 3.50 3.24
CA ALA A 294 18.44 3.01 4.08
C ALA A 294 18.78 1.64 4.67
N LYS A 295 18.26 1.35 5.87
CA LYS A 295 18.48 0.11 6.65
C LYS A 295 17.19 -0.16 7.45
N LEU A 296 16.44 -1.24 7.15
CA LEU A 296 15.33 -1.73 7.99
C LEU A 296 15.85 -2.81 8.93
N TYR A 297 15.72 -2.62 10.24
CA TYR A 297 16.06 -3.57 11.33
C TYR A 297 14.77 -4.23 11.80
N TYR A 298 14.58 -5.53 11.57
CA TYR A 298 13.38 -6.31 11.99
C TYR A 298 13.84 -7.66 12.58
N ASP A 299 13.38 -7.99 13.80
CA ASP A 299 13.52 -9.29 14.53
C ASP A 299 14.90 -9.93 14.26
N ASP A 300 15.95 -9.36 14.87
CA ASP A 300 17.39 -9.77 14.82
C ASP A 300 17.90 -9.96 13.37
N LYS A 301 17.44 -9.13 12.42
CA LYS A 301 17.94 -9.03 11.02
C LYS A 301 18.19 -7.55 10.68
N GLU A 302 18.99 -7.32 9.64
CA GLU A 302 19.17 -6.01 8.95
C GLU A 302 19.06 -6.24 7.44
N LEU A 303 18.49 -5.27 6.72
CA LEU A 303 18.24 -5.30 5.26
C LEU A 303 18.55 -3.90 4.73
N PRO A 304 19.56 -3.69 3.86
CA PRO A 304 19.76 -2.39 3.21
C PRO A 304 19.05 -2.23 1.85
N SER A 305 18.57 -1.02 1.57
CA SER A 305 18.29 -0.47 0.22
C SER A 305 19.23 0.70 -0.05
N LYS A 306 19.61 0.91 -1.31
CA LYS A 306 20.60 1.93 -1.75
C LYS A 306 20.06 2.66 -2.98
N HIS A 307 20.17 4.00 -3.01
CA HIS A 307 19.92 4.85 -4.21
C HIS A 307 21.09 5.81 -4.41
N TYR A 308 22.06 5.41 -5.24
CA TYR A 308 23.10 6.29 -5.83
C TYR A 308 22.43 7.34 -6.73
N SER A 309 22.88 8.60 -6.64
CA SER A 309 22.48 9.72 -7.54
C SER A 309 23.66 10.70 -7.69
N LYS A 310 23.96 11.12 -8.92
CA LYS A 310 25.05 12.06 -9.30
C LYS A 310 24.48 13.30 -9.98
N LEU A 311 25.12 14.46 -9.81
CA LEU A 311 24.81 15.71 -10.57
C LEU A 311 25.19 15.50 -12.04
N SER A 312 24.44 16.13 -12.97
CA SER A 312 24.75 16.14 -14.42
C SER A 312 25.95 17.09 -14.70
N LYS A 313 26.34 17.22 -15.97
CA LYS A 313 27.46 18.10 -16.43
C LYS A 313 27.12 19.60 -16.27
N ASP A 314 25.85 19.98 -16.09
CA ASP A 314 25.37 21.36 -15.76
C ASP A 314 25.46 22.22 -17.04
#